data_6DHR
#
_entry.id   6DHR
#
_entity_poly.entity_id   1
_entity_poly.type   'polypeptide(L)'
_entity_poly.pdbx_seq_one_letter_code
;GLPICGETCLLGKCYTPGCSCRRPVCYKN
;
_entity_poly.pdbx_strand_id   A
#
# COMPACT_ATOMS: atom_id res chain seq x y z
N GLY A 1 -7.22 -3.32 -3.80
CA GLY A 1 -7.76 -2.25 -4.62
C GLY A 1 -7.97 -0.95 -3.89
N LEU A 2 -8.22 -1.00 -2.61
CA LEU A 2 -8.47 0.21 -1.84
C LEU A 2 -7.33 0.50 -0.88
N PRO A 3 -7.05 1.79 -0.58
CA PRO A 3 -5.94 2.20 0.31
C PRO A 3 -6.28 1.95 1.81
N ILE A 4 -6.75 0.76 2.08
CA ILE A 4 -7.17 0.31 3.41
C ILE A 4 -5.97 0.23 4.36
N CYS A 5 -4.79 0.03 3.80
CA CYS A 5 -3.57 -0.15 4.57
C CYS A 5 -3.24 1.09 5.40
N GLY A 6 -3.50 2.27 4.85
CA GLY A 6 -3.18 3.49 5.52
C GLY A 6 -1.69 3.74 5.43
N GLU A 7 -1.14 3.35 4.31
CA GLU A 7 0.27 3.47 4.07
C GLU A 7 0.53 4.08 2.72
N THR A 8 1.60 4.76 2.63
CA THR A 8 2.06 5.34 1.42
C THR A 8 3.31 4.61 1.01
N CYS A 9 3.56 4.53 -0.25
CA CYS A 9 4.73 3.87 -0.67
C CYS A 9 5.48 4.70 -1.67
N LEU A 10 6.24 5.63 -1.16
CA LEU A 10 7.07 6.47 -1.96
C LEU A 10 8.36 5.73 -2.22
N LEU A 11 8.79 4.98 -1.22
CA LEU A 11 9.96 4.14 -1.33
C LEU A 11 9.54 2.82 -1.96
N GLY A 12 8.30 2.44 -1.73
CA GLY A 12 7.75 1.29 -2.38
C GLY A 12 7.55 0.11 -1.47
N LYS A 13 7.30 0.35 -0.20
CA LYS A 13 7.07 -0.74 0.73
C LYS A 13 5.88 -0.49 1.65
N CYS A 14 5.06 -1.51 1.80
CA CYS A 14 3.90 -1.48 2.63
C CYS A 14 4.08 -2.59 3.67
N TYR A 15 3.67 -2.34 4.88
CA TYR A 15 3.87 -3.32 5.93
C TYR A 15 2.63 -4.15 6.18
N THR A 16 1.48 -3.56 5.92
CA THR A 16 0.20 -4.24 6.09
C THR A 16 0.17 -5.53 5.25
N PRO A 17 -0.22 -6.67 5.85
CA PRO A 17 -0.32 -7.94 5.13
C PRO A 17 -1.42 -7.88 4.04
N GLY A 18 -1.09 -8.39 2.88
CA GLY A 18 -2.03 -8.39 1.79
C GLY A 18 -2.17 -7.03 1.19
N CYS A 19 -1.14 -6.26 1.25
CA CYS A 19 -1.16 -4.92 0.77
C CYS A 19 -0.17 -4.80 -0.35
N SER A 20 -0.58 -4.23 -1.42
CA SER A 20 0.25 -4.08 -2.57
C SER A 20 0.56 -2.61 -2.77
N CYS A 21 1.79 -2.32 -3.03
CA CYS A 21 2.20 -0.99 -3.32
C CYS A 21 1.83 -0.62 -4.74
N ARG A 22 1.19 0.49 -4.88
CA ARG A 22 0.92 1.08 -6.15
C ARG A 22 1.26 2.53 -5.99
N ARG A 23 2.53 2.81 -6.22
CA ARG A 23 3.15 4.10 -5.94
C ARG A 23 2.29 5.27 -6.41
N PRO A 24 2.18 6.29 -5.57
CA PRO A 24 2.86 6.36 -4.29
C PRO A 24 1.99 5.95 -3.06
N VAL A 25 0.99 5.08 -3.26
CA VAL A 25 0.07 4.71 -2.18
C VAL A 25 -0.04 3.17 -2.07
N CYS A 26 -0.30 2.67 -0.89
CA CYS A 26 -0.50 1.25 -0.71
C CYS A 26 -1.97 0.91 -0.86
N TYR A 27 -2.27 -0.21 -1.48
CA TYR A 27 -3.63 -0.62 -1.67
C TYR A 27 -3.80 -2.06 -1.26
N LYS A 28 -4.86 -2.32 -0.55
CA LYS A 28 -5.18 -3.64 -0.13
C LYS A 28 -6.43 -4.08 -0.88
N ASN A 29 -6.21 -4.93 -1.87
CA ASN A 29 -7.26 -5.50 -2.73
C ASN A 29 -7.93 -4.42 -3.59
N GLY A 1 -6.87 -2.74 -4.31
CA GLY A 1 -7.10 -1.53 -5.06
C GLY A 1 -7.81 -0.48 -4.25
N LEU A 2 -8.18 -0.83 -3.04
CA LEU A 2 -8.85 0.09 -2.15
C LEU A 2 -7.90 0.50 -1.06
N PRO A 3 -7.90 1.77 -0.66
CA PRO A 3 -7.05 2.25 0.41
C PRO A 3 -7.55 1.79 1.79
N ILE A 4 -7.45 0.50 2.02
CA ILE A 4 -7.81 -0.09 3.29
C ILE A 4 -6.73 0.22 4.29
N CYS A 5 -5.50 0.01 3.87
CA CYS A 5 -4.35 0.27 4.69
C CYS A 5 -4.15 1.79 4.79
N GLY A 6 -4.03 2.45 3.63
CA GLY A 6 -3.93 3.90 3.61
C GLY A 6 -2.56 4.41 3.99
N GLU A 7 -1.60 3.53 4.00
CA GLU A 7 -0.25 3.91 4.33
C GLU A 7 0.46 4.29 3.07
N THR A 8 1.45 5.09 3.19
CA THR A 8 2.19 5.53 2.07
C THR A 8 3.44 4.72 1.90
N CYS A 9 3.68 4.33 0.71
CA CYS A 9 4.80 3.51 0.39
C CYS A 9 5.50 4.06 -0.83
N LEU A 10 6.27 5.09 -0.63
CA LEU A 10 7.00 5.72 -1.70
C LEU A 10 8.19 4.86 -2.08
N LEU A 11 8.56 3.98 -1.17
CA LEU A 11 9.66 3.06 -1.36
C LEU A 11 9.27 1.93 -2.31
N GLY A 12 7.98 1.69 -2.46
CA GLY A 12 7.53 0.66 -3.38
C GLY A 12 7.05 -0.60 -2.70
N LYS A 13 7.10 -0.62 -1.39
CA LYS A 13 6.62 -1.76 -0.63
C LYS A 13 5.91 -1.24 0.59
N CYS A 14 4.87 -1.91 1.00
CA CYS A 14 4.12 -1.53 2.18
C CYS A 14 4.77 -2.13 3.41
N TYR A 15 4.34 -1.70 4.55
CA TYR A 15 4.81 -2.21 5.79
C TYR A 15 3.77 -3.16 6.37
N THR A 16 2.53 -2.98 5.98
CA THR A 16 1.50 -3.94 6.33
C THR A 16 1.50 -5.05 5.28
N PRO A 17 1.75 -6.31 5.70
CA PRO A 17 1.80 -7.45 4.79
C PRO A 17 0.40 -7.82 4.29
N GLY A 18 0.27 -8.00 3.00
CA GLY A 18 -0.99 -8.36 2.41
C GLY A 18 -1.66 -7.19 1.74
N CYS A 19 -0.95 -6.11 1.68
CA CYS A 19 -1.44 -4.91 1.09
C CYS A 19 -0.47 -4.56 -0.03
N SER A 20 -0.97 -4.35 -1.23
CA SER A 20 -0.11 -4.14 -2.37
C SER A 20 0.21 -2.65 -2.51
N CYS A 21 1.44 -2.37 -2.82
CA CYS A 21 1.88 -1.03 -2.91
C CYS A 21 1.84 -0.53 -4.31
N ARG A 22 1.04 0.46 -4.54
CA ARG A 22 1.00 1.15 -5.79
C ARG A 22 1.48 2.54 -5.48
N ARG A 23 2.81 2.69 -5.47
CA ARG A 23 3.47 3.89 -5.02
C ARG A 23 2.85 5.18 -5.53
N PRO A 24 2.66 6.16 -4.65
CA PRO A 24 3.08 6.08 -3.25
C PRO A 24 1.98 5.61 -2.28
N VAL A 25 0.90 5.04 -2.75
CA VAL A 25 -0.19 4.68 -1.85
C VAL A 25 -0.34 3.16 -1.75
N CYS A 26 -0.50 2.67 -0.55
CA CYS A 26 -0.66 1.26 -0.33
C CYS A 26 -2.15 0.89 -0.36
N TYR A 27 -2.50 -0.05 -1.21
CA TYR A 27 -3.87 -0.45 -1.44
C TYR A 27 -4.08 -1.92 -1.21
N LYS A 28 -5.20 -2.27 -0.68
CA LYS A 28 -5.58 -3.63 -0.52
C LYS A 28 -6.70 -3.89 -1.49
N ASN A 29 -6.37 -4.66 -2.51
CA ASN A 29 -7.27 -5.02 -3.63
C ASN A 29 -7.61 -3.81 -4.50
N GLY A 1 -6.98 -3.05 -3.88
CA GLY A 1 -7.34 -1.94 -4.72
C GLY A 1 -7.89 -0.76 -3.93
N LEU A 2 -8.13 -0.97 -2.65
CA LEU A 2 -8.63 0.11 -1.79
C LEU A 2 -7.52 0.54 -0.85
N PRO A 3 -7.46 1.82 -0.45
CA PRO A 3 -6.39 2.35 0.40
C PRO A 3 -6.59 1.98 1.89
N ILE A 4 -7.05 0.75 2.13
CA ILE A 4 -7.39 0.23 3.47
C ILE A 4 -6.16 0.25 4.40
N CYS A 5 -4.98 0.10 3.81
CA CYS A 5 -3.75 0.08 4.58
C CYS A 5 -3.43 1.48 5.10
N GLY A 6 -3.82 2.49 4.32
CA GLY A 6 -3.61 3.88 4.69
C GLY A 6 -2.17 4.33 4.55
N GLU A 7 -1.33 3.45 4.07
CA GLU A 7 0.08 3.72 3.96
C GLU A 7 0.39 4.32 2.62
N THR A 8 1.49 4.96 2.57
CA THR A 8 2.02 5.49 1.38
C THR A 8 3.34 4.82 1.12
N CYS A 9 3.53 4.34 -0.05
CA CYS A 9 4.71 3.59 -0.33
C CYS A 9 5.65 4.31 -1.27
N LEU A 10 6.35 5.28 -0.73
CA LEU A 10 7.38 5.97 -1.48
C LEU A 10 8.61 5.09 -1.54
N LEU A 11 8.77 4.27 -0.49
CA LEU A 11 9.88 3.33 -0.40
C LEU A 11 9.66 2.14 -1.34
N GLY A 12 8.42 1.95 -1.76
CA GLY A 12 8.11 0.88 -2.68
C GLY A 12 7.52 -0.33 -1.99
N LYS A 13 7.57 -0.34 -0.68
CA LYS A 13 7.05 -1.46 0.09
C LYS A 13 6.20 -0.93 1.24
N CYS A 14 5.11 -1.58 1.48
CA CYS A 14 4.19 -1.24 2.55
C CYS A 14 4.48 -2.13 3.75
N TYR A 15 4.01 -1.74 4.90
CA TYR A 15 4.26 -2.52 6.10
C TYR A 15 3.08 -3.40 6.42
N THR A 16 1.98 -3.18 5.73
CA THR A 16 0.82 -4.01 5.88
C THR A 16 0.95 -5.24 4.95
N PRO A 17 0.97 -6.46 5.50
CA PRO A 17 1.00 -7.68 4.70
C PRO A 17 -0.35 -7.93 4.04
N GLY A 18 -0.32 -8.24 2.78
CA GLY A 18 -1.54 -8.46 2.04
C GLY A 18 -2.01 -7.17 1.40
N CYS A 19 -1.11 -6.25 1.27
CA CYS A 19 -1.39 -4.97 0.71
C CYS A 19 -0.52 -4.78 -0.53
N SER A 20 -1.06 -4.18 -1.56
CA SER A 20 -0.36 -3.98 -2.79
C SER A 20 0.10 -2.52 -2.92
N CYS A 21 1.37 -2.34 -3.06
CA CYS A 21 1.94 -1.04 -3.24
C CYS A 21 1.76 -0.59 -4.68
N ARG A 22 0.94 0.37 -4.86
CA ARG A 22 0.77 1.00 -6.13
C ARG A 22 1.10 2.45 -5.86
N ARG A 23 2.39 2.75 -5.92
CA ARG A 23 2.91 4.01 -5.47
C ARG A 23 2.20 5.20 -6.08
N PRO A 24 2.02 6.25 -5.30
CA PRO A 24 2.56 6.35 -3.93
C PRO A 24 1.64 5.79 -2.80
N VAL A 25 0.62 5.01 -3.11
CA VAL A 25 -0.32 4.58 -2.05
C VAL A 25 -0.41 3.05 -1.91
N CYS A 26 -0.57 2.58 -0.71
CA CYS A 26 -0.73 1.16 -0.45
C CYS A 26 -2.21 0.78 -0.51
N TYR A 27 -2.54 -0.06 -1.46
CA TYR A 27 -3.89 -0.47 -1.69
C TYR A 27 -4.06 -1.95 -1.40
N LYS A 28 -4.93 -2.27 -0.51
CA LYS A 28 -5.26 -3.64 -0.19
C LYS A 28 -6.41 -4.01 -1.11
N ASN A 29 -6.12 -4.87 -2.08
CA ASN A 29 -7.09 -5.35 -3.10
C ASN A 29 -7.53 -4.23 -4.06
N GLY A 1 -6.98 -2.83 -3.94
CA GLY A 1 -7.23 -1.62 -4.66
C GLY A 1 -7.81 -0.55 -3.77
N LEU A 2 -8.12 -0.91 -2.54
CA LEU A 2 -8.68 0.01 -1.58
C LEU A 2 -7.60 0.45 -0.59
N PRO A 3 -7.56 1.74 -0.22
CA PRO A 3 -6.57 2.30 0.74
C PRO A 3 -6.82 1.87 2.21
N ILE A 4 -7.15 0.61 2.38
CA ILE A 4 -7.45 0.01 3.68
C ILE A 4 -6.20 -0.04 4.58
N CYS A 5 -5.06 -0.10 3.95
CA CYS A 5 -3.80 -0.21 4.64
C CYS A 5 -3.51 1.07 5.44
N GLY A 6 -3.71 2.21 4.81
CA GLY A 6 -3.49 3.48 5.46
C GLY A 6 -2.04 3.88 5.40
N GLU A 7 -1.38 3.43 4.36
CA GLU A 7 0.01 3.69 4.16
C GLU A 7 0.28 3.92 2.70
N THR A 8 1.39 4.52 2.41
CA THR A 8 1.74 4.84 1.05
C THR A 8 3.01 4.14 0.64
N CYS A 9 3.42 4.36 -0.57
CA CYS A 9 4.63 3.81 -1.09
C CYS A 9 5.55 4.91 -1.53
N LEU A 10 6.22 5.51 -0.59
CA LEU A 10 7.24 6.48 -0.92
C LEU A 10 8.60 5.78 -0.98
N LEU A 11 8.72 4.70 -0.24
CA LEU A 11 9.92 3.87 -0.26
C LEU A 11 9.75 2.71 -1.23
N GLY A 12 8.49 2.40 -1.52
CA GLY A 12 8.18 1.37 -2.50
C GLY A 12 7.83 0.05 -1.86
N LYS A 13 7.52 0.08 -0.59
CA LYS A 13 7.17 -1.12 0.14
C LYS A 13 6.05 -0.84 1.11
N CYS A 14 5.15 -1.76 1.23
CA CYS A 14 4.10 -1.68 2.20
C CYS A 14 4.58 -2.36 3.48
N TYR A 15 3.96 -2.03 4.56
CA TYR A 15 4.31 -2.57 5.83
C TYR A 15 3.16 -3.43 6.36
N THR A 16 1.97 -3.12 5.93
CA THR A 16 0.82 -3.91 6.27
C THR A 16 0.72 -5.10 5.29
N PRO A 17 0.61 -6.34 5.81
CA PRO A 17 0.51 -7.55 4.98
C PRO A 17 -0.81 -7.60 4.22
N GLY A 18 -0.77 -8.14 3.02
CA GLY A 18 -1.96 -8.26 2.20
C GLY A 18 -2.19 -7.03 1.36
N CYS A 19 -1.30 -6.09 1.47
CA CYS A 19 -1.41 -4.84 0.77
C CYS A 19 -0.47 -4.80 -0.43
N SER A 20 -1.02 -4.52 -1.57
CA SER A 20 -0.25 -4.41 -2.78
C SER A 20 0.16 -2.95 -3.02
N CYS A 21 1.44 -2.74 -3.16
CA CYS A 21 2.00 -1.43 -3.35
C CYS A 21 1.75 -0.93 -4.78
N ARG A 22 1.19 0.25 -4.90
CA ARG A 22 0.93 0.88 -6.18
C ARG A 22 1.31 2.34 -6.04
N ARG A 23 2.54 2.66 -6.42
CA ARG A 23 3.13 3.97 -6.15
C ARG A 23 2.27 5.16 -6.59
N PRO A 24 2.19 6.20 -5.75
CA PRO A 24 2.92 6.28 -4.48
C PRO A 24 2.07 5.88 -3.25
N VAL A 25 1.08 5.01 -3.43
CA VAL A 25 0.18 4.64 -2.31
C VAL A 25 0.20 3.11 -2.13
N CYS A 26 -0.31 2.63 -1.04
CA CYS A 26 -0.41 1.21 -0.84
C CYS A 26 -1.90 0.88 -0.82
N TYR A 27 -2.30 -0.16 -1.54
CA TYR A 27 -3.70 -0.50 -1.65
C TYR A 27 -3.93 -1.97 -1.39
N LYS A 28 -4.93 -2.27 -0.62
CA LYS A 28 -5.33 -3.62 -0.34
C LYS A 28 -6.56 -3.90 -1.17
N ASN A 29 -6.41 -4.73 -2.20
CA ASN A 29 -7.47 -5.06 -3.19
C ASN A 29 -7.79 -3.87 -4.08
N GLY A 1 -7.98 -2.87 -4.03
CA GLY A 1 -8.29 -1.68 -4.79
C GLY A 1 -8.40 -0.43 -3.93
N LEU A 2 -8.61 -0.61 -2.65
CA LEU A 2 -8.78 0.51 -1.75
C LEU A 2 -7.55 0.69 -0.88
N PRO A 3 -7.22 1.92 -0.49
CA PRO A 3 -6.03 2.20 0.36
C PRO A 3 -6.29 1.85 1.84
N ILE A 4 -6.79 0.64 2.05
CA ILE A 4 -7.18 0.11 3.36
C ILE A 4 -6.00 0.10 4.34
N CYS A 5 -4.81 -0.02 3.82
CA CYS A 5 -3.63 -0.04 4.63
C CYS A 5 -3.23 1.35 5.10
N GLY A 6 -3.72 2.37 4.41
CA GLY A 6 -3.50 3.76 4.80
C GLY A 6 -2.12 4.26 4.42
N GLU A 7 -1.12 3.45 4.66
CA GLU A 7 0.25 3.76 4.40
C GLU A 7 0.49 3.97 2.91
N THR A 8 1.48 4.72 2.62
CA THR A 8 1.80 5.04 1.29
C THR A 8 3.07 4.34 0.85
N CYS A 9 3.44 4.56 -0.36
CA CYS A 9 4.61 3.99 -0.92
C CYS A 9 5.57 5.08 -1.31
N LEU A 10 6.19 5.68 -0.35
CA LEU A 10 7.19 6.69 -0.63
C LEU A 10 8.51 5.96 -0.87
N LEU A 11 8.68 4.85 -0.20
CA LEU A 11 9.82 3.98 -0.39
C LEU A 11 9.47 2.92 -1.42
N GLY A 12 8.21 2.58 -1.45
CA GLY A 12 7.74 1.54 -2.34
C GLY A 12 7.57 0.26 -1.59
N LYS A 13 7.26 0.39 -0.33
CA LYS A 13 7.18 -0.75 0.54
C LYS A 13 5.93 -0.65 1.40
N CYS A 14 5.24 -1.75 1.53
CA CYS A 14 4.08 -1.84 2.37
C CYS A 14 4.41 -2.70 3.57
N TYR A 15 4.21 -2.16 4.73
CA TYR A 15 4.52 -2.87 5.95
C TYR A 15 3.37 -3.76 6.37
N THR A 16 2.15 -3.34 6.04
CA THR A 16 1.00 -4.19 6.28
C THR A 16 1.07 -5.39 5.31
N PRO A 17 1.12 -6.62 5.84
CA PRO A 17 1.17 -7.81 5.01
C PRO A 17 -0.17 -8.05 4.32
N GLY A 18 -0.12 -8.35 3.05
CA GLY A 18 -1.34 -8.60 2.31
C GLY A 18 -1.85 -7.36 1.63
N CYS A 19 -0.97 -6.41 1.39
CA CYS A 19 -1.35 -5.18 0.75
C CYS A 19 -0.50 -5.03 -0.51
N SER A 20 -0.99 -4.33 -1.50
CA SER A 20 -0.29 -4.21 -2.75
C SER A 20 0.18 -2.77 -2.96
N CYS A 21 1.47 -2.61 -3.14
CA CYS A 21 2.04 -1.31 -3.33
C CYS A 21 1.88 -0.85 -4.78
N ARG A 22 1.05 0.15 -4.96
CA ARG A 22 0.86 0.78 -6.24
C ARG A 22 1.34 2.20 -6.06
N ARG A 23 2.63 2.35 -6.14
CA ARG A 23 3.36 3.54 -5.83
C ARG A 23 2.71 4.77 -6.49
N PRO A 24 2.52 5.85 -5.72
CA PRO A 24 3.02 5.98 -4.36
C PRO A 24 2.00 5.63 -3.23
N VAL A 25 1.01 4.80 -3.47
CA VAL A 25 0.05 4.48 -2.40
C VAL A 25 -0.07 2.96 -2.23
N CYS A 26 -0.39 2.50 -1.05
CA CYS A 26 -0.53 1.09 -0.83
C CYS A 26 -2.01 0.73 -0.80
N TYR A 27 -2.42 -0.16 -1.70
CA TYR A 27 -3.82 -0.52 -1.86
C TYR A 27 -4.05 -1.98 -1.59
N LYS A 28 -5.16 -2.24 -0.97
CA LYS A 28 -5.60 -3.56 -0.69
C LYS A 28 -6.99 -3.71 -1.25
N ASN A 29 -7.14 -4.63 -2.21
CA ASN A 29 -8.45 -4.94 -2.83
C ASN A 29 -8.94 -3.70 -3.64
N GLY A 1 -6.80 -3.50 -3.91
CA GLY A 1 -7.01 -2.39 -4.80
C GLY A 1 -7.58 -1.18 -4.11
N LEU A 2 -7.92 -1.31 -2.83
CA LEU A 2 -8.53 -0.23 -2.09
C LEU A 2 -7.56 0.36 -1.07
N PRO A 3 -7.58 1.70 -0.87
CA PRO A 3 -6.67 2.41 0.07
C PRO A 3 -7.08 2.24 1.55
N ILE A 4 -7.45 1.02 1.90
CA ILE A 4 -7.93 0.64 3.22
C ILE A 4 -6.79 0.62 4.24
N CYS A 5 -5.59 0.36 3.77
CA CYS A 5 -4.41 0.25 4.62
C CYS A 5 -4.15 1.57 5.36
N GLY A 6 -4.43 2.68 4.68
CA GLY A 6 -4.30 4.00 5.26
C GLY A 6 -2.87 4.39 5.43
N GLU A 7 -2.03 3.85 4.58
CA GLU A 7 -0.63 4.08 4.66
C GLU A 7 -0.03 4.23 3.28
N THR A 8 1.13 4.81 3.24
CA THR A 8 1.81 5.05 2.02
C THR A 8 3.02 4.15 1.89
N CYS A 9 3.56 4.11 0.71
CA CYS A 9 4.72 3.33 0.42
C CYS A 9 5.54 3.99 -0.70
N LEU A 10 6.38 4.93 -0.30
CA LEU A 10 7.22 5.67 -1.24
C LEU A 10 8.42 4.85 -1.72
N LEU A 11 8.70 3.77 -1.06
CA LEU A 11 9.81 2.89 -1.43
C LEU A 11 9.36 1.88 -2.47
N GLY A 12 8.06 1.72 -2.57
CA GLY A 12 7.52 0.72 -3.45
C GLY A 12 7.32 -0.60 -2.71
N LYS A 13 7.28 -0.51 -1.41
CA LYS A 13 7.08 -1.64 -0.55
C LYS A 13 6.16 -1.19 0.58
N CYS A 14 5.02 -1.81 0.70
CA CYS A 14 4.08 -1.41 1.72
C CYS A 14 4.47 -2.02 3.03
N TYR A 15 4.17 -1.33 4.11
CA TYR A 15 4.57 -1.78 5.40
C TYR A 15 3.65 -2.86 5.93
N THR A 16 2.37 -2.76 5.62
CA THR A 16 1.43 -3.79 5.98
C THR A 16 1.43 -4.92 4.92
N PRO A 17 1.57 -6.18 5.36
CA PRO A 17 1.47 -7.34 4.46
C PRO A 17 0.06 -7.49 3.92
N GLY A 18 -0.05 -7.75 2.64
CA GLY A 18 -1.34 -7.91 2.02
C GLY A 18 -1.75 -6.67 1.25
N CYS A 19 -1.07 -5.58 1.52
CA CYS A 19 -1.34 -4.36 0.82
C CYS A 19 -0.41 -4.23 -0.37
N SER A 20 -0.98 -4.14 -1.55
CA SER A 20 -0.21 -3.97 -2.74
C SER A 20 0.24 -2.52 -2.81
N CYS A 21 1.47 -2.31 -3.10
CA CYS A 21 1.99 -0.99 -3.13
C CYS A 21 1.87 -0.40 -4.51
N ARG A 22 1.02 0.56 -4.64
CA ARG A 22 0.90 1.29 -5.86
C ARG A 22 1.50 2.62 -5.56
N ARG A 23 2.80 2.69 -5.72
CA ARG A 23 3.62 3.80 -5.29
C ARG A 23 3.00 5.17 -5.63
N PRO A 24 2.92 6.06 -4.64
CA PRO A 24 3.42 5.82 -3.29
C PRO A 24 2.30 5.46 -2.27
N VAL A 25 1.23 4.81 -2.71
CA VAL A 25 0.09 4.52 -1.82
C VAL A 25 -0.19 3.01 -1.72
N CYS A 26 -0.53 2.54 -0.54
CA CYS A 26 -0.87 1.16 -0.32
C CYS A 26 -2.33 0.89 -0.65
N TYR A 27 -2.58 -0.19 -1.35
CA TYR A 27 -3.93 -0.58 -1.70
C TYR A 27 -4.13 -2.06 -1.40
N LYS A 28 -5.01 -2.37 -0.49
CA LYS A 28 -5.32 -3.73 -0.16
C LYS A 28 -6.52 -4.13 -0.99
N ASN A 29 -6.30 -5.08 -1.89
CA ASN A 29 -7.33 -5.58 -2.83
C ASN A 29 -7.66 -4.50 -3.85
N GLY A 1 -8.41 -3.37 -3.36
CA GLY A 1 -8.68 -2.45 -4.41
C GLY A 1 -8.58 -1.03 -3.93
N LEU A 2 -9.08 -0.79 -2.73
CA LEU A 2 -9.09 0.55 -2.16
C LEU A 2 -7.86 0.77 -1.28
N PRO A 3 -7.44 2.04 -1.04
CA PRO A 3 -6.26 2.38 -0.19
C PRO A 3 -6.54 2.15 1.32
N ILE A 4 -7.06 0.98 1.63
CA ILE A 4 -7.50 0.57 2.96
C ILE A 4 -6.36 0.59 3.99
N CYS A 5 -5.17 0.24 3.57
CA CYS A 5 -4.02 0.22 4.47
C CYS A 5 -3.65 1.64 4.89
N GLY A 6 -3.76 2.58 3.95
CA GLY A 6 -3.51 3.97 4.24
C GLY A 6 -2.05 4.34 4.14
N GLU A 7 -1.19 3.36 4.08
CA GLU A 7 0.24 3.59 4.03
C GLU A 7 0.65 4.10 2.67
N THR A 8 1.77 4.73 2.64
CA THR A 8 2.31 5.24 1.43
C THR A 8 3.63 4.60 1.11
N CYS A 9 3.78 4.17 -0.11
CA CYS A 9 5.02 3.58 -0.57
C CYS A 9 5.93 4.70 -1.01
N LEU A 10 6.49 5.38 -0.05
CA LEU A 10 7.40 6.48 -0.32
C LEU A 10 8.77 5.94 -0.64
N LEU A 11 9.17 4.91 0.09
CA LEU A 11 10.42 4.25 -0.15
C LEU A 11 10.22 3.18 -1.22
N GLY A 12 9.01 2.64 -1.28
CA GLY A 12 8.69 1.70 -2.33
C GLY A 12 8.13 0.40 -1.81
N LYS A 13 8.09 0.24 -0.52
CA LYS A 13 7.62 -0.98 0.07
C LYS A 13 6.47 -0.71 1.00
N CYS A 14 5.45 -1.52 0.92
CA CYS A 14 4.33 -1.40 1.80
C CYS A 14 4.60 -2.26 3.01
N TYR A 15 4.28 -1.77 4.17
CA TYR A 15 4.63 -2.45 5.39
C TYR A 15 3.54 -3.39 5.83
N THR A 16 2.35 -3.16 5.33
CA THR A 16 1.22 -4.02 5.62
C THR A 16 1.26 -5.26 4.72
N PRO A 17 1.32 -6.47 5.29
CA PRO A 17 1.27 -7.72 4.53
C PRO A 17 -0.12 -7.94 3.93
N GLY A 18 -0.16 -8.40 2.71
CA GLY A 18 -1.42 -8.64 2.04
C GLY A 18 -2.02 -7.36 1.50
N CYS A 19 -1.17 -6.38 1.36
CA CYS A 19 -1.56 -5.11 0.87
C CYS A 19 -0.74 -4.83 -0.36
N SER A 20 -1.36 -4.40 -1.40
CA SER A 20 -0.71 -4.20 -2.64
C SER A 20 -0.16 -2.79 -2.74
N CYS A 21 1.13 -2.70 -2.90
CA CYS A 21 1.76 -1.44 -3.04
C CYS A 21 1.53 -0.94 -4.46
N ARG A 22 0.81 0.13 -4.57
CA ARG A 22 0.60 0.79 -5.83
C ARG A 22 1.16 2.17 -5.63
N ARG A 23 2.46 2.30 -5.82
CA ARG A 23 3.19 3.53 -5.49
C ARG A 23 2.49 4.77 -6.01
N PRO A 24 2.37 5.80 -5.17
CA PRO A 24 2.95 5.81 -3.83
C PRO A 24 1.96 5.42 -2.69
N VAL A 25 0.91 4.64 -2.95
CA VAL A 25 -0.08 4.33 -1.89
C VAL A 25 -0.33 2.81 -1.74
N CYS A 26 -0.64 2.36 -0.55
CA CYS A 26 -0.97 0.97 -0.29
C CYS A 26 -2.46 0.71 -0.46
N TYR A 27 -2.80 -0.10 -1.42
CA TYR A 27 -4.16 -0.48 -1.68
C TYR A 27 -4.33 -1.93 -1.31
N LYS A 28 -5.37 -2.23 -0.63
CA LYS A 28 -5.63 -3.58 -0.25
C LYS A 28 -6.93 -3.95 -0.84
N ASN A 29 -6.92 -5.00 -1.64
CA ASN A 29 -8.10 -5.53 -2.33
C ASN A 29 -8.44 -4.67 -3.55
N GLY A 1 -7.14 -3.32 -3.78
CA GLY A 1 -7.54 -2.17 -4.58
C GLY A 1 -8.26 -1.12 -3.78
N LEU A 2 -8.50 -1.40 -2.52
CA LEU A 2 -9.20 -0.49 -1.65
C LEU A 2 -8.20 0.23 -0.74
N PRO A 3 -8.43 1.52 -0.46
CA PRO A 3 -7.53 2.36 0.39
C PRO A 3 -7.64 2.03 1.90
N ILE A 4 -7.88 0.76 2.19
CA ILE A 4 -8.06 0.27 3.56
C ILE A 4 -6.81 0.54 4.39
N CYS A 5 -5.66 0.28 3.80
CA CYS A 5 -4.39 0.46 4.45
C CYS A 5 -4.13 1.93 4.73
N GLY A 6 -4.17 2.75 3.67
CA GLY A 6 -3.93 4.18 3.82
C GLY A 6 -2.46 4.47 4.02
N GLU A 7 -1.65 3.47 3.78
CA GLU A 7 -0.22 3.58 3.92
C GLU A 7 0.40 4.06 2.65
N THR A 8 1.65 4.35 2.74
CA THR A 8 2.39 4.88 1.63
C THR A 8 3.67 4.09 1.39
N CYS A 9 3.90 3.72 0.16
CA CYS A 9 5.12 3.00 -0.24
C CYS A 9 6.20 4.03 -0.52
N LEU A 10 6.58 4.77 0.50
CA LEU A 10 7.51 5.89 0.35
C LEU A 10 8.86 5.46 -0.20
N LEU A 11 9.35 4.33 0.24
CA LEU A 11 10.67 3.89 -0.17
C LEU A 11 10.64 2.78 -1.21
N GLY A 12 9.46 2.37 -1.64
CA GLY A 12 9.39 1.38 -2.70
C GLY A 12 8.45 0.24 -2.40
N LYS A 13 8.39 -0.17 -1.17
CA LYS A 13 7.54 -1.29 -0.79
C LYS A 13 6.47 -0.81 0.16
N CYS A 14 5.36 -1.51 0.17
CA CYS A 14 4.32 -1.22 1.10
C CYS A 14 4.67 -1.88 2.42
N TYR A 15 4.38 -1.20 3.49
CA TYR A 15 4.73 -1.65 4.80
C TYR A 15 3.70 -2.62 5.37
N THR A 16 2.48 -2.53 4.89
CA THR A 16 1.43 -3.40 5.37
C THR A 16 1.39 -4.69 4.53
N PRO A 17 1.54 -5.85 5.16
CA PRO A 17 1.46 -7.13 4.48
C PRO A 17 0.01 -7.48 4.12
N GLY A 18 -0.18 -8.03 2.94
CA GLY A 18 -1.51 -8.35 2.47
C GLY A 18 -2.18 -7.14 1.86
N CYS A 19 -1.36 -6.20 1.48
CA CYS A 19 -1.80 -4.97 0.92
C CYS A 19 -0.92 -4.70 -0.29
N SER A 20 -1.53 -4.47 -1.43
CA SER A 20 -0.79 -4.28 -2.64
C SER A 20 -0.31 -2.84 -2.78
N CYS A 21 0.89 -2.70 -3.21
CA CYS A 21 1.51 -1.43 -3.34
C CYS A 21 1.21 -0.83 -4.70
N ARG A 22 0.78 0.39 -4.69
CA ARG A 22 0.58 1.16 -5.87
C ARG A 22 1.22 2.48 -5.58
N ARG A 23 2.56 2.48 -5.60
CA ARG A 23 3.39 3.57 -5.14
C ARG A 23 2.89 4.91 -5.69
N PRO A 24 2.75 5.91 -4.81
CA PRO A 24 3.15 5.81 -3.41
C PRO A 24 2.06 5.37 -2.40
N VAL A 25 0.97 4.78 -2.84
CA VAL A 25 -0.11 4.45 -1.90
C VAL A 25 -0.33 2.92 -1.78
N CYS A 26 -0.68 2.46 -0.60
CA CYS A 26 -0.99 1.06 -0.36
C CYS A 26 -2.49 0.80 -0.48
N TYR A 27 -2.84 -0.09 -1.37
CA TYR A 27 -4.20 -0.49 -1.59
C TYR A 27 -4.38 -1.95 -1.29
N LYS A 28 -5.25 -2.26 -0.39
CA LYS A 28 -5.52 -3.62 -0.05
C LYS A 28 -6.67 -4.08 -0.91
N ASN A 29 -6.38 -4.99 -1.83
CA ASN A 29 -7.39 -5.52 -2.77
C ASN A 29 -7.93 -4.38 -3.66
N GLY A 1 -7.57 -3.21 -3.91
CA GLY A 1 -7.54 -2.12 -4.84
C GLY A 1 -8.03 -0.85 -4.18
N LEU A 2 -8.01 -0.80 -2.86
CA LEU A 2 -8.52 0.34 -2.13
C LEU A 2 -7.54 0.79 -1.06
N PRO A 3 -7.41 2.10 -0.80
CA PRO A 3 -6.50 2.61 0.21
C PRO A 3 -7.10 2.41 1.60
N ILE A 4 -6.81 1.29 2.18
CA ILE A 4 -7.37 0.95 3.47
C ILE A 4 -6.27 0.92 4.54
N CYS A 5 -5.09 0.55 4.12
CA CYS A 5 -3.97 0.29 5.01
C CYS A 5 -3.48 1.57 5.67
N GLY A 6 -3.58 2.68 4.96
CA GLY A 6 -3.10 3.92 5.48
C GLY A 6 -1.60 3.98 5.35
N GLU A 7 -1.13 3.48 4.24
CA GLU A 7 0.27 3.41 3.93
C GLU A 7 0.49 3.92 2.53
N THR A 8 1.63 4.47 2.30
CA THR A 8 1.97 5.00 1.03
C THR A 8 3.34 4.50 0.62
N CYS A 9 3.49 4.20 -0.65
CA CYS A 9 4.76 3.72 -1.13
C CYS A 9 5.66 4.89 -1.45
N LEU A 10 6.14 5.52 -0.41
CA LEU A 10 7.09 6.60 -0.56
C LEU A 10 8.46 6.01 -0.57
N LEU A 11 8.62 4.93 0.18
CA LEU A 11 9.87 4.19 0.24
C LEU A 11 9.86 3.13 -0.86
N GLY A 12 8.66 2.74 -1.27
CA GLY A 12 8.52 1.81 -2.36
C GLY A 12 7.81 0.53 -1.98
N LYS A 13 7.65 0.30 -0.70
CA LYS A 13 7.02 -0.91 -0.24
C LYS A 13 6.12 -0.64 0.97
N CYS A 14 5.05 -1.39 1.09
CA CYS A 14 4.15 -1.29 2.22
C CYS A 14 4.64 -2.27 3.29
N TYR A 15 4.13 -2.18 4.49
CA TYR A 15 4.57 -3.06 5.53
C TYR A 15 3.55 -4.13 5.83
N THR A 16 2.29 -3.77 5.75
CA THR A 16 1.22 -4.71 6.03
C THR A 16 1.13 -5.80 4.93
N PRO A 17 1.24 -7.09 5.31
CA PRO A 17 1.01 -8.20 4.40
C PRO A 17 -0.48 -8.26 4.05
N GLY A 18 -0.77 -8.38 2.79
CA GLY A 18 -2.15 -8.36 2.36
C GLY A 18 -2.56 -6.99 1.91
N CYS A 19 -1.58 -6.16 1.68
CA CYS A 19 -1.76 -4.83 1.19
C CYS A 19 -0.77 -4.66 0.05
N SER A 20 -1.27 -4.37 -1.12
CA SER A 20 -0.46 -4.28 -2.29
C SER A 20 0.06 -2.87 -2.50
N CYS A 21 1.23 -2.74 -3.05
CA CYS A 21 1.82 -1.46 -3.28
C CYS A 21 1.58 -1.01 -4.71
N ARG A 22 0.90 0.10 -4.85
CA ARG A 22 0.71 0.73 -6.12
C ARG A 22 1.20 2.15 -5.96
N ARG A 23 2.51 2.31 -6.12
CA ARG A 23 3.18 3.57 -5.84
C ARG A 23 2.47 4.76 -6.45
N PRO A 24 2.31 5.84 -5.69
CA PRO A 24 2.83 5.97 -4.31
C PRO A 24 1.83 5.59 -3.18
N VAL A 25 0.83 4.77 -3.44
CA VAL A 25 -0.17 4.47 -2.39
C VAL A 25 -0.33 2.94 -2.19
N CYS A 26 -0.57 2.52 -0.97
CA CYS A 26 -0.81 1.12 -0.72
C CYS A 26 -2.30 0.84 -0.85
N TYR A 27 -2.63 -0.23 -1.49
CA TYR A 27 -4.00 -0.60 -1.72
C TYR A 27 -4.23 -2.02 -1.31
N LYS A 28 -5.19 -2.22 -0.46
CA LYS A 28 -5.58 -3.54 -0.10
C LYS A 28 -6.64 -3.94 -1.11
N ASN A 29 -6.30 -4.92 -1.94
CA ASN A 29 -7.10 -5.40 -3.10
C ASN A 29 -7.04 -4.36 -4.20
N GLY A 1 -7.69 -3.74 -3.89
CA GLY A 1 -7.89 -2.79 -4.95
C GLY A 1 -8.27 -1.41 -4.46
N LEU A 2 -8.62 -1.30 -3.20
CA LEU A 2 -9.07 -0.04 -2.65
C LEU A 2 -8.09 0.48 -1.60
N PRO A 3 -8.00 1.80 -1.39
CA PRO A 3 -7.11 2.35 -0.40
C PRO A 3 -7.66 2.13 1.02
N ILE A 4 -7.35 0.98 1.55
CA ILE A 4 -7.84 0.61 2.87
C ILE A 4 -6.73 0.74 3.91
N CYS A 5 -5.51 0.46 3.48
CA CYS A 5 -4.36 0.42 4.38
C CYS A 5 -4.02 1.78 4.99
N GLY A 6 -4.21 2.85 4.25
CA GLY A 6 -3.91 4.18 4.77
C GLY A 6 -2.45 4.55 4.67
N GLU A 7 -1.60 3.56 4.79
CA GLU A 7 -0.16 3.73 4.67
C GLU A 7 0.24 3.98 3.24
N THR A 8 1.48 4.32 3.06
CA THR A 8 1.98 4.66 1.76
C THR A 8 3.31 3.96 1.47
N CYS A 9 3.62 3.80 0.20
CA CYS A 9 4.83 3.14 -0.23
C CYS A 9 5.94 4.17 -0.41
N LEU A 10 6.39 4.77 0.68
CA LEU A 10 7.46 5.78 0.59
C LEU A 10 8.78 5.10 0.18
N LEU A 11 8.88 3.83 0.51
CA LEU A 11 10.07 3.04 0.22
C LEU A 11 9.97 2.42 -1.18
N GLY A 12 8.85 2.67 -1.85
CA GLY A 12 8.60 2.06 -3.14
C GLY A 12 7.89 0.74 -2.98
N LYS A 13 7.88 0.28 -1.76
CA LYS A 13 7.28 -0.95 -1.34
C LYS A 13 6.47 -0.64 -0.11
N CYS A 14 5.36 -1.31 0.06
CA CYS A 14 4.55 -1.12 1.22
C CYS A 14 5.02 -2.12 2.25
N TYR A 15 5.09 -1.71 3.49
CA TYR A 15 5.60 -2.60 4.52
C TYR A 15 4.47 -3.35 5.21
N THR A 16 3.25 -2.96 4.93
CA THR A 16 2.12 -3.59 5.52
C THR A 16 1.74 -4.86 4.74
N PRO A 17 1.75 -6.04 5.41
CA PRO A 17 1.39 -7.30 4.79
C PRO A 17 -0.07 -7.29 4.34
N GLY A 18 -0.31 -7.75 3.14
CA GLY A 18 -1.65 -7.77 2.62
C GLY A 18 -1.94 -6.56 1.78
N CYS A 19 -1.12 -5.57 1.89
CA CYS A 19 -1.30 -4.36 1.16
C CYS A 19 -0.52 -4.39 -0.13
N SER A 20 -1.23 -4.18 -1.19
CA SER A 20 -0.68 -4.13 -2.50
C SER A 20 -0.08 -2.77 -2.70
N CYS A 21 1.15 -2.74 -3.10
CA CYS A 21 1.83 -1.52 -3.22
C CYS A 21 1.66 -0.93 -4.60
N ARG A 22 0.87 0.09 -4.68
CA ARG A 22 0.74 0.86 -5.87
C ARG A 22 1.29 2.21 -5.53
N ARG A 23 2.63 2.27 -5.48
CA ARG A 23 3.35 3.45 -5.03
C ARG A 23 2.88 4.72 -5.69
N PRO A 24 2.78 5.80 -4.93
CA PRO A 24 3.19 5.85 -3.50
C PRO A 24 2.09 5.41 -2.49
N VAL A 25 1.04 4.73 -2.90
CA VAL A 25 -0.07 4.41 -1.95
C VAL A 25 -0.25 2.88 -1.71
N CYS A 26 -0.58 2.50 -0.48
CA CYS A 26 -0.85 1.11 -0.15
C CYS A 26 -2.35 0.81 -0.29
N TYR A 27 -2.66 -0.12 -1.16
CA TYR A 27 -4.04 -0.51 -1.40
C TYR A 27 -4.29 -1.90 -0.86
N LYS A 28 -5.51 -2.23 -0.64
CA LYS A 28 -5.89 -3.53 -0.19
C LYS A 28 -7.17 -3.90 -0.89
N ASN A 29 -7.15 -5.01 -1.60
CA ASN A 29 -8.29 -5.51 -2.37
C ASN A 29 -8.67 -4.54 -3.48
N GLY A 1 -8.21 -2.81 -3.63
CA GLY A 1 -8.45 -1.70 -4.50
C GLY A 1 -8.42 -0.39 -3.78
N LEU A 2 -8.83 -0.39 -2.55
CA LEU A 2 -8.83 0.81 -1.75
C LEU A 2 -7.58 0.84 -0.87
N PRO A 3 -7.08 2.03 -0.50
CA PRO A 3 -5.88 2.17 0.34
C PRO A 3 -6.18 1.87 1.82
N ILE A 4 -6.79 0.71 2.05
CA ILE A 4 -7.22 0.22 3.37
C ILE A 4 -6.02 0.08 4.32
N CYS A 5 -4.85 -0.09 3.74
CA CYS A 5 -3.62 -0.21 4.49
C CYS A 5 -3.33 1.10 5.24
N GLY A 6 -3.71 2.23 4.64
CA GLY A 6 -3.54 3.53 5.27
C GLY A 6 -2.10 3.93 5.35
N GLU A 7 -1.34 3.49 4.39
CA GLU A 7 0.06 3.81 4.29
C GLU A 7 0.38 4.04 2.83
N THR A 8 1.41 4.77 2.56
CA THR A 8 1.77 5.06 1.20
C THR A 8 3.10 4.44 0.83
N CYS A 9 3.28 4.22 -0.43
CA CYS A 9 4.48 3.66 -0.95
C CYS A 9 5.41 4.79 -1.28
N LEU A 10 5.93 5.39 -0.25
CA LEU A 10 6.81 6.51 -0.35
C LEU A 10 8.20 5.99 -0.69
N LEU A 11 8.56 4.90 -0.06
CA LEU A 11 9.80 4.23 -0.34
C LEU A 11 9.56 3.23 -1.45
N GLY A 12 8.35 2.73 -1.50
CA GLY A 12 7.98 1.79 -2.53
C GLY A 12 7.77 0.41 -1.96
N LYS A 13 7.42 0.37 -0.69
CA LYS A 13 7.19 -0.87 0.01
C LYS A 13 5.99 -0.71 0.96
N CYS A 14 5.27 -1.78 1.18
CA CYS A 14 4.18 -1.79 2.14
C CYS A 14 4.61 -2.57 3.36
N TYR A 15 4.15 -2.14 4.49
CA TYR A 15 4.50 -2.75 5.74
C TYR A 15 3.37 -3.64 6.19
N THR A 16 2.16 -3.25 5.88
CA THR A 16 0.99 -4.03 6.20
C THR A 16 0.90 -5.27 5.28
N PRO A 17 0.74 -6.47 5.87
CA PRO A 17 0.60 -7.72 5.11
C PRO A 17 -0.71 -7.76 4.32
N GLY A 18 -0.65 -8.29 3.11
CA GLY A 18 -1.83 -8.41 2.28
C GLY A 18 -2.06 -7.18 1.43
N CYS A 19 -1.17 -6.25 1.50
CA CYS A 19 -1.28 -5.04 0.75
C CYS A 19 -0.48 -5.10 -0.53
N SER A 20 -0.95 -4.40 -1.52
CA SER A 20 -0.31 -4.34 -2.78
C SER A 20 0.22 -2.93 -2.96
N CYS A 21 1.50 -2.83 -3.12
CA CYS A 21 2.16 -1.56 -3.24
C CYS A 21 2.04 -1.06 -4.65
N ARG A 22 1.36 0.04 -4.81
CA ARG A 22 1.18 0.66 -6.10
C ARG A 22 1.60 2.09 -5.94
N ARG A 23 2.92 2.32 -5.95
CA ARG A 23 3.47 3.64 -5.67
C ARG A 23 2.82 4.74 -6.50
N PRO A 24 2.51 5.86 -5.85
CA PRO A 24 2.87 6.15 -4.45
C PRO A 24 1.89 5.65 -3.33
N VAL A 25 0.91 4.83 -3.62
CA VAL A 25 -0.07 4.46 -2.57
C VAL A 25 -0.07 2.93 -2.30
N CYS A 26 -0.42 2.52 -1.10
CA CYS A 26 -0.48 1.12 -0.79
C CYS A 26 -1.95 0.71 -0.70
N TYR A 27 -2.37 -0.14 -1.61
CA TYR A 27 -3.77 -0.52 -1.70
C TYR A 27 -3.97 -1.95 -1.25
N LYS A 28 -5.10 -2.20 -0.69
CA LYS A 28 -5.48 -3.52 -0.31
C LYS A 28 -6.72 -3.83 -1.11
N ASN A 29 -6.58 -4.72 -2.09
CA ASN A 29 -7.63 -5.06 -3.06
C ASN A 29 -7.81 -3.96 -4.09
N GLY A 1 -7.34 -3.42 -4.16
CA GLY A 1 -7.98 -2.35 -4.91
C GLY A 1 -8.23 -1.07 -4.11
N LEU A 2 -8.60 -1.21 -2.85
CA LEU A 2 -8.92 -0.05 -2.03
C LEU A 2 -7.74 0.33 -1.14
N PRO A 3 -7.52 1.64 -0.90
CA PRO A 3 -6.41 2.14 -0.06
C PRO A 3 -6.68 1.96 1.44
N ILE A 4 -7.06 0.74 1.81
CA ILE A 4 -7.47 0.37 3.17
C ILE A 4 -6.34 0.63 4.17
N CYS A 5 -5.13 0.26 3.81
CA CYS A 5 -3.99 0.44 4.68
C CYS A 5 -3.72 1.93 4.91
N GLY A 6 -3.83 2.72 3.83
CA GLY A 6 -3.67 4.16 3.93
C GLY A 6 -2.25 4.59 4.17
N GLU A 7 -1.32 3.69 3.98
CA GLU A 7 0.05 3.98 4.18
C GLU A 7 0.65 4.33 2.84
N THR A 8 1.59 5.21 2.85
CA THR A 8 2.22 5.62 1.66
C THR A 8 3.47 4.82 1.42
N CYS A 9 3.61 4.32 0.24
CA CYS A 9 4.73 3.49 -0.09
C CYS A 9 5.67 4.19 -1.06
N LEU A 10 6.42 5.13 -0.54
CA LEU A 10 7.38 5.88 -1.35
C LEU A 10 8.58 5.00 -1.66
N LEU A 11 8.88 4.13 -0.74
CA LEU A 11 10.02 3.22 -0.89
C LEU A 11 9.62 1.95 -1.65
N GLY A 12 8.39 1.94 -2.17
CA GLY A 12 7.89 0.79 -2.91
C GLY A 12 7.72 -0.42 -2.02
N LYS A 13 7.42 -0.17 -0.78
CA LYS A 13 7.28 -1.22 0.19
C LYS A 13 6.10 -0.89 1.10
N CYS A 14 5.35 -1.88 1.44
CA CYS A 14 4.25 -1.74 2.36
C CYS A 14 4.58 -2.45 3.65
N TYR A 15 4.07 -1.96 4.73
CA TYR A 15 4.30 -2.57 6.02
C TYR A 15 3.17 -3.48 6.41
N THR A 16 2.04 -3.34 5.72
CA THR A 16 0.94 -4.25 5.92
C THR A 16 1.04 -5.38 4.88
N PRO A 17 1.18 -6.63 5.31
CA PRO A 17 1.19 -7.76 4.40
C PRO A 17 -0.21 -7.99 3.80
N GLY A 18 -0.26 -8.31 2.52
CA GLY A 18 -1.53 -8.50 1.86
C GLY A 18 -2.08 -7.18 1.37
N CYS A 19 -1.22 -6.22 1.34
CA CYS A 19 -1.52 -4.90 0.89
C CYS A 19 -0.41 -4.58 -0.09
N SER A 20 -0.74 -4.10 -1.24
CA SER A 20 0.24 -3.95 -2.28
C SER A 20 0.47 -2.48 -2.61
N CYS A 21 1.68 -2.20 -2.97
CA CYS A 21 2.09 -0.86 -3.26
C CYS A 21 1.75 -0.44 -4.67
N ARG A 22 0.94 0.57 -4.76
CA ARG A 22 0.64 1.23 -5.98
C ARG A 22 1.00 2.69 -5.72
N ARG A 23 2.31 2.93 -5.77
CA ARG A 23 2.91 4.16 -5.33
C ARG A 23 2.21 5.41 -5.86
N PRO A 24 2.06 6.40 -4.99
CA PRO A 24 2.62 6.39 -3.64
C PRO A 24 1.69 5.81 -2.55
N VAL A 25 0.64 5.12 -2.91
CA VAL A 25 -0.31 4.65 -1.90
C VAL A 25 -0.34 3.13 -1.84
N CYS A 26 -0.44 2.58 -0.67
CA CYS A 26 -0.54 1.15 -0.54
C CYS A 26 -2.01 0.76 -0.44
N TYR A 27 -2.42 -0.16 -1.28
CA TYR A 27 -3.80 -0.56 -1.41
C TYR A 27 -3.97 -2.02 -1.00
N LYS A 28 -5.06 -2.32 -0.39
CA LYS A 28 -5.36 -3.65 0.00
C LYS A 28 -6.54 -4.10 -0.81
N ASN A 29 -6.25 -4.83 -1.86
CA ASN A 29 -7.24 -5.37 -2.78
C ASN A 29 -8.04 -4.26 -3.42
N GLY A 1 -7.74 -3.03 -3.86
CA GLY A 1 -7.66 -2.01 -4.87
C GLY A 1 -8.09 -0.67 -4.32
N LEU A 2 -8.11 -0.55 -3.00
CA LEU A 2 -8.54 0.65 -2.29
C LEU A 2 -7.50 0.98 -1.25
N PRO A 3 -7.24 2.25 -0.98
CA PRO A 3 -6.23 2.68 0.02
C PRO A 3 -6.74 2.49 1.46
N ILE A 4 -7.27 1.30 1.74
CA ILE A 4 -7.84 0.91 3.04
C ILE A 4 -6.79 1.06 4.12
N CYS A 5 -5.60 0.62 3.80
CA CYS A 5 -4.47 0.60 4.71
C CYS A 5 -4.09 2.01 5.16
N GLY A 6 -4.25 2.99 4.26
CA GLY A 6 -3.90 4.38 4.59
C GLY A 6 -2.42 4.65 4.45
N GLU A 7 -1.63 3.60 4.52
CA GLU A 7 -0.20 3.68 4.38
C GLU A 7 0.17 3.97 2.94
N THR A 8 1.38 4.35 2.74
CA THR A 8 1.84 4.68 1.44
C THR A 8 3.14 3.97 1.13
N CYS A 9 3.51 3.98 -0.10
CA CYS A 9 4.75 3.41 -0.53
C CYS A 9 5.62 4.55 -0.97
N LEU A 10 6.16 5.26 -0.02
CA LEU A 10 6.96 6.41 -0.32
C LEU A 10 8.37 5.94 -0.60
N LEU A 11 8.81 4.99 0.20
CA LEU A 11 10.11 4.38 0.03
C LEU A 11 10.05 3.37 -1.09
N GLY A 12 8.83 3.05 -1.50
CA GLY A 12 8.62 2.14 -2.60
C GLY A 12 8.05 0.83 -2.14
N LYS A 13 8.22 0.55 -0.90
CA LYS A 13 7.76 -0.71 -0.33
C LYS A 13 6.62 -0.45 0.64
N CYS A 14 5.67 -1.36 0.67
CA CYS A 14 4.61 -1.31 1.65
C CYS A 14 4.91 -2.41 2.64
N TYR A 15 4.90 -2.08 3.90
CA TYR A 15 5.38 -3.00 4.92
C TYR A 15 4.29 -3.86 5.55
N THR A 16 3.09 -3.74 5.05
CA THR A 16 2.00 -4.56 5.54
C THR A 16 1.62 -5.64 4.51
N PRO A 17 1.72 -6.93 4.90
CA PRO A 17 1.34 -8.04 4.03
C PRO A 17 -0.19 -8.16 3.92
N GLY A 18 -0.67 -8.31 2.71
CA GLY A 18 -2.08 -8.38 2.47
C GLY A 18 -2.58 -7.09 1.87
N CYS A 19 -1.72 -6.14 1.84
CA CYS A 19 -1.99 -4.86 1.28
C CYS A 19 -1.02 -4.69 0.11
N SER A 20 -1.53 -4.52 -1.07
CA SER A 20 -0.69 -4.43 -2.24
C SER A 20 -0.14 -3.03 -2.41
N CYS A 21 1.11 -2.95 -2.67
CA CYS A 21 1.75 -1.70 -2.87
C CYS A 21 1.58 -1.24 -4.30
N ARG A 22 0.75 -0.26 -4.49
CA ARG A 22 0.58 0.34 -5.78
C ARG A 22 1.09 1.74 -5.62
N ARG A 23 2.35 1.92 -5.93
CA ARG A 23 3.06 3.15 -5.67
C ARG A 23 2.30 4.37 -6.21
N PRO A 24 2.22 5.43 -5.40
CA PRO A 24 2.89 5.52 -4.12
C PRO A 24 1.98 5.19 -2.90
N VAL A 25 0.93 4.37 -3.04
CA VAL A 25 0.01 4.13 -1.90
C VAL A 25 -0.19 2.61 -1.65
N CYS A 26 -0.50 2.25 -0.43
CA CYS A 26 -0.82 0.89 -0.08
C CYS A 26 -2.32 0.64 -0.33
N TYR A 27 -2.61 -0.19 -1.30
CA TYR A 27 -3.96 -0.51 -1.64
C TYR A 27 -4.27 -1.93 -1.23
N LYS A 28 -5.20 -2.06 -0.37
CA LYS A 28 -5.70 -3.34 0.00
C LYS A 28 -6.77 -3.65 -1.00
N ASN A 29 -6.57 -4.71 -1.76
CA ASN A 29 -7.44 -5.15 -2.83
C ASN A 29 -7.27 -4.23 -4.03
N GLY A 1 -7.57 -2.73 -4.23
CA GLY A 1 -7.73 -1.51 -5.00
C GLY A 1 -8.18 -0.35 -4.14
N LEU A 2 -8.54 -0.65 -2.92
CA LEU A 2 -9.06 0.34 -2.02
C LEU A 2 -7.99 0.74 -1.02
N PRO A 3 -8.02 1.99 -0.50
CA PRO A 3 -7.05 2.50 0.49
C PRO A 3 -7.31 1.94 1.91
N ILE A 4 -7.55 0.64 1.98
CA ILE A 4 -7.87 -0.07 3.21
C ILE A 4 -6.68 -0.03 4.18
N CYS A 5 -5.49 -0.21 3.65
CA CYS A 5 -4.29 -0.26 4.46
C CYS A 5 -3.97 1.08 5.10
N GLY A 6 -4.27 2.17 4.39
CA GLY A 6 -4.04 3.50 4.93
C GLY A 6 -2.58 3.86 4.90
N GLU A 7 -1.83 3.06 4.20
CA GLU A 7 -0.41 3.21 4.13
C GLU A 7 0.01 3.75 2.81
N THR A 8 1.24 4.09 2.74
CA THR A 8 1.82 4.61 1.56
C THR A 8 2.96 3.71 1.12
N CYS A 9 3.46 3.97 -0.05
CA CYS A 9 4.59 3.30 -0.57
C CYS A 9 5.64 4.31 -0.84
N LEU A 10 6.33 4.72 0.19
CA LEU A 10 7.39 5.70 0.04
C LEU A 10 8.69 4.98 -0.30
N LEU A 11 8.83 3.79 0.25
CA LEU A 11 10.00 2.96 0.04
C LEU A 11 9.79 2.02 -1.14
N GLY A 12 8.73 2.26 -1.91
CA GLY A 12 8.39 1.40 -3.04
C GLY A 12 7.71 0.12 -2.60
N LYS A 13 7.53 -0.01 -1.32
CA LYS A 13 6.96 -1.17 -0.72
C LYS A 13 6.05 -0.71 0.39
N CYS A 14 5.06 -1.51 0.72
CA CYS A 14 4.15 -1.20 1.79
C CYS A 14 4.78 -1.52 3.13
N TYR A 15 4.33 -0.84 4.15
CA TYR A 15 4.76 -1.09 5.50
C TYR A 15 3.97 -2.26 6.06
N THR A 16 2.79 -2.46 5.52
CA THR A 16 1.92 -3.51 5.96
C THR A 16 1.95 -4.68 4.96
N PRO A 17 2.34 -5.88 5.43
CA PRO A 17 2.28 -7.10 4.63
C PRO A 17 0.82 -7.55 4.45
N GLY A 18 0.47 -7.90 3.25
CA GLY A 18 -0.90 -8.31 2.96
C GLY A 18 -1.60 -7.28 2.11
N CYS A 19 -0.90 -6.24 1.81
CA CYS A 19 -1.42 -5.17 0.99
C CYS A 19 -0.78 -5.21 -0.39
N SER A 20 -1.31 -4.46 -1.30
CA SER A 20 -0.81 -4.36 -2.64
C SER A 20 -0.27 -2.94 -2.85
N CYS A 21 0.99 -2.85 -3.15
CA CYS A 21 1.63 -1.57 -3.29
C CYS A 21 1.43 -1.01 -4.70
N ARG A 22 1.08 0.24 -4.77
CA ARG A 22 0.94 0.96 -6.01
C ARG A 22 1.46 2.36 -5.76
N ARG A 23 2.78 2.49 -5.85
CA ARG A 23 3.50 3.73 -5.53
C ARG A 23 2.82 4.98 -6.09
N PRO A 24 2.73 6.05 -5.27
CA PRO A 24 3.29 6.09 -3.91
C PRO A 24 2.28 5.71 -2.79
N VAL A 25 1.25 4.96 -3.11
CA VAL A 25 0.21 4.62 -2.10
C VAL A 25 0.11 3.08 -1.95
N CYS A 26 -0.39 2.62 -0.83
CA CYS A 26 -0.54 1.21 -0.61
C CYS A 26 -2.02 0.90 -0.57
N TYR A 27 -2.44 -0.07 -1.33
CA TYR A 27 -3.84 -0.41 -1.42
C TYR A 27 -4.07 -1.85 -1.03
N LYS A 28 -5.30 -2.21 -0.88
CA LYS A 28 -5.69 -3.56 -0.65
C LYS A 28 -7.03 -3.72 -1.33
N ASN A 29 -7.04 -4.54 -2.38
CA ASN A 29 -8.25 -4.80 -3.20
C ASN A 29 -8.58 -3.56 -4.03
N GLY A 1 -7.68 -3.03 -4.19
CA GLY A 1 -8.04 -1.85 -4.92
C GLY A 1 -8.41 -0.70 -4.02
N LEU A 2 -8.63 -1.00 -2.77
CA LEU A 2 -9.04 0.00 -1.82
C LEU A 2 -7.86 0.44 -0.98
N PRO A 3 -7.81 1.71 -0.60
CA PRO A 3 -6.74 2.25 0.27
C PRO A 3 -6.97 1.86 1.74
N ILE A 4 -7.19 0.57 1.95
CA ILE A 4 -7.47 -0.03 3.26
C ILE A 4 -6.32 0.24 4.22
N CYS A 5 -5.13 0.05 3.72
CA CYS A 5 -3.94 0.25 4.49
C CYS A 5 -3.69 1.75 4.64
N GLY A 6 -3.95 2.48 3.55
CA GLY A 6 -3.85 3.94 3.55
C GLY A 6 -2.47 4.43 3.89
N GLU A 7 -1.49 3.68 3.51
CA GLU A 7 -0.13 4.04 3.81
C GLU A 7 0.50 4.53 2.59
N THR A 8 1.52 5.27 2.75
CA THR A 8 2.28 5.70 1.66
C THR A 8 3.48 4.81 1.55
N CYS A 9 3.71 4.28 0.41
CA CYS A 9 4.80 3.38 0.23
C CYS A 9 5.90 4.03 -0.57
N LEU A 10 6.57 4.98 0.07
CA LEU A 10 7.60 5.75 -0.60
C LEU A 10 8.82 4.92 -0.90
N LEU A 11 9.13 3.98 -0.02
CA LEU A 11 10.30 3.13 -0.21
C LEU A 11 10.15 2.22 -1.41
N GLY A 12 8.92 1.88 -1.73
CA GLY A 12 8.65 1.03 -2.87
C GLY A 12 7.98 -0.22 -2.42
N LYS A 13 7.99 -0.39 -1.13
CA LYS A 13 7.38 -1.51 -0.49
C LYS A 13 6.29 -1.01 0.39
N CYS A 14 5.34 -1.86 0.59
CA CYS A 14 4.26 -1.57 1.47
C CYS A 14 4.62 -2.08 2.84
N TYR A 15 4.08 -1.48 3.86
CA TYR A 15 4.44 -1.84 5.20
C TYR A 15 3.43 -2.83 5.77
N THR A 16 2.23 -2.76 5.26
CA THR A 16 1.19 -3.66 5.68
C THR A 16 1.30 -4.99 4.89
N PRO A 17 1.31 -6.14 5.60
CA PRO A 17 1.31 -7.45 4.98
C PRO A 17 -0.08 -7.76 4.41
N GLY A 18 -0.13 -8.31 3.23
CA GLY A 18 -1.40 -8.58 2.59
C GLY A 18 -1.93 -7.34 1.93
N CYS A 19 -1.04 -6.45 1.61
CA CYS A 19 -1.35 -5.19 1.00
C CYS A 19 -0.29 -4.94 -0.06
N SER A 20 -0.57 -4.14 -1.05
CA SER A 20 0.36 -3.94 -2.13
C SER A 20 0.64 -2.46 -2.35
N CYS A 21 1.81 -2.17 -2.87
CA CYS A 21 2.24 -0.83 -3.09
C CYS A 21 1.89 -0.37 -4.48
N ARG A 22 0.82 0.36 -4.58
CA ARG A 22 0.46 0.99 -5.81
C ARG A 22 0.81 2.43 -5.59
N ARG A 23 2.07 2.74 -5.85
CA ARG A 23 2.68 4.02 -5.51
C ARG A 23 1.80 5.20 -5.86
N PRO A 24 1.71 6.17 -4.95
CA PRO A 24 2.47 6.14 -3.70
C PRO A 24 1.70 5.57 -2.48
N VAL A 25 0.63 4.82 -2.72
CA VAL A 25 -0.22 4.39 -1.61
C VAL A 25 -0.37 2.84 -1.54
N CYS A 26 -0.47 2.34 -0.33
CA CYS A 26 -0.75 0.95 -0.09
C CYS A 26 -2.22 0.66 -0.25
N TYR A 27 -2.53 -0.15 -1.23
CA TYR A 27 -3.87 -0.54 -1.52
C TYR A 27 -4.03 -2.02 -1.30
N LYS A 28 -5.19 -2.40 -0.88
CA LYS A 28 -5.53 -3.75 -0.68
C LYS A 28 -6.84 -3.97 -1.38
N ASN A 29 -6.82 -4.83 -2.40
CA ASN A 29 -8.03 -5.21 -3.16
C ASN A 29 -8.56 -3.99 -3.96
N GLY A 1 -6.92 -3.17 -3.77
CA GLY A 1 -7.17 -2.06 -4.66
C GLY A 1 -7.81 -0.89 -3.97
N LEU A 2 -8.11 -1.04 -2.69
CA LEU A 2 -8.72 0.03 -1.92
C LEU A 2 -7.71 0.55 -0.92
N PRO A 3 -7.64 1.87 -0.70
CA PRO A 3 -6.65 2.49 0.22
C PRO A 3 -7.01 2.27 1.71
N ILE A 4 -7.39 1.05 2.06
CA ILE A 4 -7.76 0.67 3.41
C ILE A 4 -6.53 0.72 4.32
N CYS A 5 -5.40 0.22 3.82
CA CYS A 5 -4.15 0.25 4.56
C CYS A 5 -3.77 1.70 4.87
N GLY A 6 -3.91 2.56 3.87
CA GLY A 6 -3.70 3.97 4.06
C GLY A 6 -2.26 4.38 4.15
N GLU A 7 -1.36 3.43 3.99
CA GLU A 7 0.05 3.71 4.04
C GLU A 7 0.51 4.22 2.71
N THR A 8 1.70 4.68 2.68
CA THR A 8 2.26 5.22 1.50
C THR A 8 3.50 4.48 1.07
N CYS A 9 3.54 4.11 -0.17
CA CYS A 9 4.68 3.46 -0.72
C CYS A 9 5.71 4.50 -1.12
N LEU A 10 6.42 5.02 -0.16
CA LEU A 10 7.49 5.94 -0.43
C LEU A 10 8.71 5.14 -0.87
N LEU A 11 9.05 4.15 -0.07
CA LEU A 11 10.19 3.28 -0.36
C LEU A 11 9.78 2.14 -1.29
N GLY A 12 8.57 2.26 -1.83
CA GLY A 12 8.05 1.29 -2.77
C GLY A 12 7.66 -0.02 -2.13
N LYS A 13 7.43 -0.01 -0.84
CA LYS A 13 7.10 -1.21 -0.12
C LYS A 13 6.00 -0.89 0.89
N CYS A 14 5.08 -1.80 1.08
CA CYS A 14 4.04 -1.65 2.07
C CYS A 14 4.44 -2.25 3.40
N TYR A 15 4.12 -1.52 4.46
CA TYR A 15 4.31 -2.00 5.81
C TYR A 15 3.34 -3.13 6.09
N THR A 16 2.16 -2.99 5.56
CA THR A 16 1.10 -3.94 5.75
C THR A 16 1.26 -5.12 4.77
N PRO A 17 1.42 -6.35 5.29
CA PRO A 17 1.56 -7.56 4.47
C PRO A 17 0.27 -7.90 3.72
N GLY A 18 0.41 -8.21 2.45
CA GLY A 18 -0.72 -8.61 1.65
C GLY A 18 -1.46 -7.44 1.07
N CYS A 19 -0.99 -6.26 1.35
CA CYS A 19 -1.57 -5.06 0.83
C CYS A 19 -0.82 -4.74 -0.46
N SER A 20 -1.53 -4.30 -1.48
CA SER A 20 -0.92 -4.05 -2.77
C SER A 20 -0.25 -2.69 -2.81
N CYS A 21 1.01 -2.71 -3.09
CA CYS A 21 1.77 -1.50 -3.13
C CYS A 21 1.74 -0.94 -4.54
N ARG A 22 1.03 0.13 -4.70
CA ARG A 22 0.97 0.84 -5.94
C ARG A 22 1.31 2.26 -5.64
N ARG A 23 2.58 2.56 -5.74
CA ARG A 23 3.12 3.84 -5.34
C ARG A 23 2.37 5.03 -5.93
N PRO A 24 2.16 6.07 -5.11
CA PRO A 24 2.65 6.13 -3.73
C PRO A 24 1.65 5.66 -2.66
N VAL A 25 0.61 4.92 -3.02
CA VAL A 25 -0.39 4.53 -2.02
C VAL A 25 -0.46 3.01 -1.83
N CYS A 26 -0.64 2.59 -0.62
CA CYS A 26 -0.74 1.19 -0.30
C CYS A 26 -2.24 0.80 -0.30
N TYR A 27 -2.64 -0.01 -1.27
CA TYR A 27 -4.03 -0.39 -1.50
C TYR A 27 -4.27 -1.85 -1.17
N LYS A 28 -5.12 -2.13 -0.24
CA LYS A 28 -5.45 -3.49 0.06
C LYS A 28 -6.62 -3.87 -0.81
N ASN A 29 -6.37 -4.77 -1.74
CA ASN A 29 -7.36 -5.28 -2.70
C ASN A 29 -7.76 -4.18 -3.67
N GLY A 1 -6.51 -2.86 -4.14
CA GLY A 1 -6.87 -1.66 -4.85
C GLY A 1 -7.79 -0.79 -4.02
N LEU A 2 -8.08 -1.22 -2.81
CA LEU A 2 -8.95 -0.50 -1.91
C LEU A 2 -8.15 0.16 -0.82
N PRO A 3 -8.58 1.35 -0.35
CA PRO A 3 -7.92 2.04 0.74
C PRO A 3 -8.23 1.39 2.09
N ILE A 4 -7.59 0.30 2.37
CA ILE A 4 -7.78 -0.43 3.60
C ILE A 4 -6.68 -0.08 4.58
N CYS A 5 -5.49 0.05 4.06
CA CYS A 5 -4.32 0.34 4.86
C CYS A 5 -4.21 1.83 5.14
N GLY A 6 -4.53 2.64 4.13
CA GLY A 6 -4.44 4.09 4.26
C GLY A 6 -3.02 4.53 4.45
N GLU A 7 -2.12 3.76 3.88
CA GLU A 7 -0.70 3.98 4.03
C GLU A 7 -0.05 4.28 2.72
N THR A 8 1.17 4.67 2.80
CA THR A 8 1.97 4.97 1.65
C THR A 8 3.14 4.00 1.55
N CYS A 9 3.65 3.86 0.36
CA CYS A 9 4.74 2.97 0.10
C CYS A 9 5.81 3.67 -0.72
N LEU A 10 6.55 4.53 -0.07
CA LEU A 10 7.58 5.36 -0.69
C LEU A 10 8.73 4.54 -1.24
N LEU A 11 8.95 3.38 -0.65
CA LEU A 11 10.06 2.51 -1.06
C LEU A 11 9.58 1.40 -1.99
N GLY A 12 8.36 1.53 -2.46
CA GLY A 12 7.79 0.57 -3.38
C GLY A 12 7.19 -0.62 -2.67
N LYS A 13 7.35 -0.67 -1.40
CA LYS A 13 6.85 -1.75 -0.62
C LYS A 13 6.10 -1.19 0.56
N CYS A 14 5.04 -1.84 0.91
CA CYS A 14 4.25 -1.47 2.04
C CYS A 14 4.75 -2.20 3.26
N TYR A 15 4.48 -1.64 4.41
CA TYR A 15 4.88 -2.25 5.65
C TYR A 15 3.75 -3.09 6.21
N THR A 16 2.54 -2.80 5.76
CA THR A 16 1.40 -3.59 6.10
C THR A 16 1.39 -4.84 5.21
N PRO A 17 1.47 -6.04 5.80
CA PRO A 17 1.49 -7.29 5.04
C PRO A 17 0.14 -7.57 4.40
N GLY A 18 0.17 -7.82 3.12
CA GLY A 18 -1.05 -8.11 2.41
C GLY A 18 -1.68 -6.87 1.84
N CYS A 19 -0.86 -5.92 1.51
CA CYS A 19 -1.32 -4.68 0.97
C CYS A 19 -0.38 -4.35 -0.20
N SER A 20 -0.91 -4.02 -1.35
CA SER A 20 -0.10 -3.80 -2.53
C SER A 20 0.26 -2.34 -2.71
N CYS A 21 1.45 -2.11 -3.16
CA CYS A 21 1.94 -0.80 -3.37
C CYS A 21 1.47 -0.27 -4.71
N ARG A 22 0.83 0.84 -4.66
CA ARG A 22 0.40 1.57 -5.82
C ARG A 22 1.06 2.91 -5.69
N ARG A 23 2.38 2.89 -5.78
CA ARG A 23 3.24 4.02 -5.47
C ARG A 23 2.70 5.35 -5.96
N PRO A 24 2.68 6.35 -5.07
CA PRO A 24 3.25 6.25 -3.71
C PRO A 24 2.26 5.74 -2.62
N VAL A 25 1.06 5.34 -2.99
CA VAL A 25 0.04 4.99 -1.99
C VAL A 25 -0.14 3.47 -1.92
N CYS A 26 -0.44 2.94 -0.77
CA CYS A 26 -0.59 1.53 -0.64
C CYS A 26 -2.07 1.20 -0.70
N TYR A 27 -2.44 0.18 -1.43
CA TYR A 27 -3.81 -0.23 -1.57
C TYR A 27 -3.94 -1.74 -1.44
N LYS A 28 -4.85 -2.15 -0.62
CA LYS A 28 -5.10 -3.54 -0.41
C LYS A 28 -6.21 -3.93 -1.36
N ASN A 29 -5.86 -4.71 -2.38
CA ASN A 29 -6.79 -5.13 -3.43
C ASN A 29 -7.24 -3.96 -4.27
N GLY A 1 -7.81 -3.54 -3.93
CA GLY A 1 -7.99 -2.55 -4.95
C GLY A 1 -8.22 -1.20 -4.36
N LEU A 2 -8.91 -1.16 -3.24
CA LEU A 2 -9.20 0.07 -2.54
C LEU A 2 -8.12 0.42 -1.54
N PRO A 3 -7.94 1.72 -1.27
CA PRO A 3 -7.03 2.13 -0.23
C PRO A 3 -7.66 1.84 1.13
N ILE A 4 -7.31 0.70 1.67
CA ILE A 4 -7.83 0.27 2.95
C ILE A 4 -6.74 0.42 4.00
N CYS A 5 -5.52 0.24 3.57
CA CYS A 5 -4.39 0.26 4.46
C CYS A 5 -4.10 1.70 4.91
N GLY A 6 -4.13 2.63 3.96
CA GLY A 6 -3.89 4.04 4.28
C GLY A 6 -2.43 4.38 4.30
N GLU A 7 -1.62 3.37 4.46
CA GLU A 7 -0.20 3.50 4.51
C GLU A 7 0.38 3.89 3.18
N THR A 8 1.59 4.27 3.23
CA THR A 8 2.28 4.70 2.07
C THR A 8 3.48 3.81 1.80
N CYS A 9 3.77 3.60 0.56
CA CYS A 9 4.85 2.74 0.18
C CYS A 9 5.84 3.53 -0.64
N LEU A 10 6.25 4.67 -0.08
CA LEU A 10 7.13 5.64 -0.74
C LEU A 10 8.47 5.02 -1.23
N LEU A 11 8.90 3.94 -0.61
CA LEU A 11 10.14 3.29 -0.99
C LEU A 11 9.91 2.16 -1.98
N GLY A 12 8.72 2.07 -2.53
CA GLY A 12 8.40 1.04 -3.51
C GLY A 12 7.99 -0.25 -2.85
N LYS A 13 7.97 -0.25 -1.55
CA LYS A 13 7.64 -1.40 -0.74
C LYS A 13 6.64 -0.94 0.29
N CYS A 14 5.64 -1.74 0.54
CA CYS A 14 4.65 -1.40 1.53
C CYS A 14 5.04 -2.05 2.84
N TYR A 15 4.56 -1.51 3.94
CA TYR A 15 4.95 -2.02 5.25
C TYR A 15 3.77 -2.64 5.97
N THR A 16 2.72 -2.87 5.24
CA THR A 16 1.57 -3.51 5.80
C THR A 16 1.29 -4.81 5.03
N PRO A 17 1.34 -5.96 5.71
CA PRO A 17 1.03 -7.27 5.12
C PRO A 17 -0.38 -7.28 4.53
N GLY A 18 -0.50 -7.79 3.33
CA GLY A 18 -1.79 -7.86 2.69
C GLY A 18 -2.05 -6.66 1.81
N CYS A 19 -1.18 -5.69 1.87
CA CYS A 19 -1.34 -4.50 1.09
C CYS A 19 -0.43 -4.52 -0.12
N SER A 20 -0.88 -3.90 -1.17
CA SER A 20 -0.17 -3.82 -2.39
C SER A 20 0.34 -2.39 -2.55
N CYS A 21 1.53 -2.25 -3.06
CA CYS A 21 2.08 -0.95 -3.28
C CYS A 21 1.69 -0.43 -4.64
N ARG A 22 1.00 0.66 -4.64
CA ARG A 22 0.70 1.41 -5.81
C ARG A 22 1.14 2.80 -5.49
N ARG A 23 2.43 3.01 -5.72
CA ARG A 23 3.14 4.21 -5.31
C ARG A 23 2.37 5.51 -5.53
N PRO A 24 2.32 6.35 -4.49
CA PRO A 24 2.99 6.09 -3.20
C PRO A 24 2.06 5.50 -2.10
N VAL A 25 0.92 4.93 -2.48
CA VAL A 25 -0.07 4.50 -1.47
C VAL A 25 -0.26 2.96 -1.42
N CYS A 26 -0.49 2.44 -0.24
CA CYS A 26 -0.77 1.04 -0.04
C CYS A 26 -2.26 0.75 -0.16
N TYR A 27 -2.61 -0.01 -1.16
CA TYR A 27 -3.98 -0.41 -1.40
C TYR A 27 -4.14 -1.84 -0.97
N LYS A 28 -5.33 -2.24 -0.69
CA LYS A 28 -5.58 -3.59 -0.33
C LYS A 28 -6.70 -4.09 -1.20
N ASN A 29 -6.38 -5.09 -2.01
CA ASN A 29 -7.28 -5.69 -3.00
C ASN A 29 -7.47 -4.77 -4.20
N GLY A 1 -7.21 -3.45 -4.43
CA GLY A 1 -7.37 -2.38 -5.39
C GLY A 1 -7.82 -1.09 -4.75
N LEU A 2 -7.87 -1.05 -3.43
CA LEU A 2 -8.31 0.14 -2.70
C LEU A 2 -7.30 0.53 -1.63
N PRO A 3 -7.12 1.83 -1.37
CA PRO A 3 -6.22 2.33 -0.32
C PRO A 3 -6.83 2.12 1.09
N ILE A 4 -6.97 0.88 1.46
CA ILE A 4 -7.59 0.47 2.70
C ILE A 4 -6.65 0.62 3.90
N CYS A 5 -5.38 0.31 3.68
CA CYS A 5 -4.41 0.22 4.76
C CYS A 5 -4.07 1.57 5.42
N GLY A 6 -4.21 2.65 4.68
CA GLY A 6 -3.91 3.98 5.21
C GLY A 6 -2.42 4.23 5.29
N GLU A 7 -1.66 3.44 4.58
CA GLU A 7 -0.22 3.54 4.62
C GLU A 7 0.33 4.05 3.31
N THR A 8 1.58 4.36 3.32
CA THR A 8 2.24 4.87 2.15
C THR A 8 3.42 4.01 1.80
N CYS A 9 3.79 4.04 0.56
CA CYS A 9 4.92 3.31 0.09
C CYS A 9 5.73 4.14 -0.89
N LEU A 10 6.55 5.00 -0.34
CA LEU A 10 7.38 5.90 -1.15
C LEU A 10 8.49 5.16 -1.91
N LEU A 11 8.89 4.02 -1.40
CA LEU A 11 9.92 3.22 -2.04
C LEU A 11 9.34 2.02 -2.76
N GLY A 12 8.02 1.95 -2.81
CA GLY A 12 7.37 0.85 -3.50
C GLY A 12 7.28 -0.41 -2.65
N LYS A 13 7.40 -0.25 -1.35
CA LYS A 13 7.32 -1.36 -0.42
C LYS A 13 6.32 -1.00 0.67
N CYS A 14 5.28 -1.78 0.81
CA CYS A 14 4.29 -1.49 1.80
C CYS A 14 4.64 -2.15 3.12
N TYR A 15 4.30 -1.49 4.21
CA TYR A 15 4.62 -1.97 5.55
C TYR A 15 3.55 -2.94 6.03
N THR A 16 2.36 -2.81 5.51
CA THR A 16 1.25 -3.62 5.92
C THR A 16 1.22 -4.93 5.09
N PRO A 17 1.22 -6.09 5.76
CA PRO A 17 1.13 -7.38 5.08
C PRO A 17 -0.27 -7.58 4.50
N GLY A 18 -0.35 -8.26 3.37
CA GLY A 18 -1.61 -8.44 2.70
C GLY A 18 -2.10 -7.13 2.11
N CYS A 19 -1.17 -6.30 1.77
CA CYS A 19 -1.44 -5.00 1.23
C CYS A 19 -0.32 -4.72 0.25
N SER A 20 -0.67 -4.31 -0.93
CA SER A 20 0.27 -4.10 -1.98
C SER A 20 0.59 -2.61 -2.08
N CYS A 21 1.54 -2.28 -2.89
CA CYS A 21 1.92 -0.92 -3.07
C CYS A 21 1.49 -0.45 -4.44
N ARG A 22 0.88 0.69 -4.46
CA ARG A 22 0.54 1.38 -5.66
C ARG A 22 0.93 2.81 -5.40
N ARG A 23 2.20 3.05 -5.65
CA ARG A 23 2.90 4.28 -5.30
C ARG A 23 2.07 5.54 -5.53
N PRO A 24 2.09 6.45 -4.55
CA PRO A 24 2.84 6.30 -3.30
C PRO A 24 2.00 5.74 -2.12
N VAL A 25 0.90 5.07 -2.41
CA VAL A 25 -0.01 4.62 -1.36
C VAL A 25 -0.20 3.09 -1.39
N CYS A 26 -0.47 2.50 -0.24
CA CYS A 26 -0.72 1.07 -0.15
C CYS A 26 -2.15 0.75 -0.59
N TYR A 27 -2.31 -0.31 -1.31
CA TYR A 27 -3.59 -0.74 -1.80
C TYR A 27 -3.84 -2.17 -1.45
N LYS A 28 -5.02 -2.44 -1.03
CA LYS A 28 -5.44 -3.74 -0.67
C LYS A 28 -6.72 -3.99 -1.43
N ASN A 29 -6.71 -5.00 -2.29
CA ASN A 29 -7.88 -5.36 -3.13
C ASN A 29 -8.20 -4.26 -4.13
N GLY A 1 -6.62 -3.22 -3.96
CA GLY A 1 -6.78 -2.08 -4.84
C GLY A 1 -7.43 -0.90 -4.15
N LEU A 2 -7.95 -1.13 -2.97
CA LEU A 2 -8.62 -0.09 -2.21
C LEU A 2 -7.72 0.45 -1.13
N PRO A 3 -7.78 1.75 -0.86
CA PRO A 3 -6.97 2.38 0.19
C PRO A 3 -7.50 2.00 1.59
N ILE A 4 -7.04 0.89 2.10
CA ILE A 4 -7.52 0.36 3.37
C ILE A 4 -6.34 0.18 4.35
N CYS A 5 -5.15 0.27 3.83
CA CYS A 5 -3.95 -0.01 4.61
C CYS A 5 -3.57 1.21 5.44
N GLY A 6 -3.75 2.39 4.86
CA GLY A 6 -3.41 3.60 5.54
C GLY A 6 -1.94 3.86 5.44
N GLU A 7 -1.35 3.35 4.39
CA GLU A 7 0.06 3.48 4.16
C GLU A 7 0.36 4.05 2.81
N THR A 8 1.53 4.55 2.71
CA THR A 8 2.01 5.12 1.50
C THR A 8 3.10 4.24 0.93
N CYS A 9 3.56 4.58 -0.24
CA CYS A 9 4.67 3.93 -0.85
C CYS A 9 5.68 4.96 -1.26
N LEU A 10 6.32 5.54 -0.28
CA LEU A 10 7.36 6.50 -0.53
C LEU A 10 8.67 5.75 -0.72
N LEU A 11 8.79 4.64 -0.02
CA LEU A 11 9.92 3.75 -0.19
C LEU A 11 9.68 2.88 -1.42
N GLY A 12 8.41 2.60 -1.68
CA GLY A 12 8.04 1.87 -2.86
C GLY A 12 7.51 0.51 -2.54
N LYS A 13 7.28 0.28 -1.27
CA LYS A 13 6.80 -0.98 -0.80
C LYS A 13 5.78 -0.80 0.31
N CYS A 14 5.04 -1.84 0.55
CA CYS A 14 4.08 -1.89 1.63
C CYS A 14 4.64 -2.69 2.80
N TYR A 15 4.36 -2.24 3.99
CA TYR A 15 4.75 -2.95 5.18
C TYR A 15 3.53 -3.63 5.79
N THR A 16 2.39 -3.31 5.24
CA THR A 16 1.13 -3.81 5.72
C THR A 16 0.81 -5.15 5.05
N PRO A 17 0.64 -6.22 5.84
CA PRO A 17 0.30 -7.53 5.33
C PRO A 17 -1.08 -7.55 4.72
N GLY A 18 -1.19 -8.05 3.53
CA GLY A 18 -2.45 -8.13 2.84
C GLY A 18 -2.64 -6.97 1.90
N CYS A 19 -1.63 -6.15 1.78
CA CYS A 19 -1.65 -5.00 0.92
C CYS A 19 -0.61 -5.13 -0.19
N SER A 20 -0.88 -4.53 -1.30
CA SER A 20 0.00 -4.52 -2.41
C SER A 20 0.24 -3.04 -2.77
N CYS A 21 1.45 -2.73 -3.13
CA CYS A 21 1.81 -1.36 -3.36
C CYS A 21 1.49 -0.88 -4.76
N ARG A 22 0.96 0.33 -4.84
CA ARG A 22 0.75 1.03 -6.09
C ARG A 22 1.29 2.41 -5.85
N ARG A 23 2.60 2.56 -5.98
CA ARG A 23 3.27 3.80 -5.64
C ARG A 23 2.60 5.02 -6.26
N PRO A 24 2.47 6.13 -5.50
CA PRO A 24 3.03 6.27 -4.15
C PRO A 24 2.08 5.89 -2.98
N VAL A 25 1.08 5.03 -3.21
CA VAL A 25 0.16 4.67 -2.12
C VAL A 25 0.07 3.12 -1.97
N CYS A 26 -0.24 2.65 -0.79
CA CYS A 26 -0.36 1.24 -0.56
C CYS A 26 -1.84 0.89 -0.59
N TYR A 27 -2.21 -0.23 -1.18
CA TYR A 27 -3.62 -0.58 -1.31
C TYR A 27 -3.90 -2.01 -0.90
N LYS A 28 -5.09 -2.25 -0.43
CA LYS A 28 -5.53 -3.56 -0.03
C LYS A 28 -6.64 -3.97 -0.97
N ASN A 29 -6.31 -4.85 -1.88
CA ASN A 29 -7.21 -5.32 -2.96
C ASN A 29 -7.50 -4.20 -3.93
#